data_6ZXT
#
_entry.id   6ZXT
#
_cell.length_a   45.152
_cell.length_b   63.952
_cell.length_c   80.909
_cell.angle_alpha   90.000
_cell.angle_beta   96.130
_cell.angle_gamma   90.000
#
_symmetry.space_group_name_H-M   'P 1 21 1'
#
loop_
_entity.id
_entity.type
_entity.pdbx_description
1 polymer 'Ribose-5-phosphate isomerase'
2 non-polymer 'SULFATE ION'
3 non-polymer 'SODIUM ION'
4 water water
#
_entity_poly.entity_id   1
_entity_poly.type   'polypeptide(L)'
_entity_poly.pdbx_seq_one_letter_code
;MHHHHHHTMAAPVSTQLSQDELKKQAAWKAVEYVKSGMVVGLGTGSTAAFAVDRIGQLLKEGKLQNIVGVPTSIRTYEQA
LSLGIPLATLDEQPKLDVAIDGADEVDPNLDVVKGRGGALLREKMVEMASAKFVCIVDDSKLVEGLGGSKLAMPVEIVQF
CHKYTLQRLANLPEVKGCEAKLRMNGDKPYVTDNSNYIVDLYFQTPIKDSQAASKAILGLDGVVDHGLFLDMVDVCIIAG
ATGVTVQERPNPKKH
;
_entity_poly.pdbx_strand_id   A,B
#
# COMPACT_ATOMS: atom_id res chain seq x y z
N THR A 15 24.17 -8.91 33.28
CA THR A 15 25.02 -9.74 34.12
C THR A 15 24.57 -11.20 34.01
N GLN A 16 23.93 -11.75 35.06
CA GLN A 16 23.50 -13.13 35.00
C GLN A 16 22.33 -13.35 34.04
N LEU A 17 21.49 -12.35 33.83
CA LEU A 17 20.30 -12.56 33.01
C LEU A 17 20.64 -12.50 31.52
N SER A 18 20.25 -13.53 30.80
CA SER A 18 20.43 -13.60 29.36
C SER A 18 19.36 -12.77 28.68
N GLN A 19 19.58 -12.49 27.39
CA GLN A 19 18.59 -11.73 26.63
C GLN A 19 17.26 -12.46 26.63
N ASP A 20 17.27 -13.77 26.46
CA ASP A 20 16.02 -14.53 26.49
C ASP A 20 15.33 -14.43 27.84
N GLU A 21 16.10 -14.45 28.93
CA GLU A 21 15.48 -14.32 30.25
C GLU A 21 14.85 -12.94 30.42
N LEU A 22 15.52 -11.90 29.95
CA LEU A 22 14.96 -10.56 30.00
C LEU A 22 13.67 -10.48 29.18
N LYS A 23 13.71 -11.03 27.99
CA LYS A 23 12.49 -11.01 27.16
C LYS A 23 11.32 -11.62 27.93
N LYS A 24 11.54 -12.78 28.53
CA LYS A 24 10.45 -13.45 29.24
C LYS A 24 9.96 -12.63 30.42
N GLN A 25 10.87 -11.98 31.16
CA GLN A 25 10.47 -11.08 32.23
C GLN A 25 9.55 -9.96 31.72
N ALA A 26 9.94 -9.30 30.64
CA ALA A 26 9.09 -8.26 30.07
C ALA A 26 7.73 -8.84 29.69
N ALA A 27 7.75 -9.98 28.99
CA ALA A 27 6.51 -10.61 28.55
C ALA A 27 5.58 -10.90 29.72
N TRP A 28 6.10 -11.51 30.79
CA TRP A 28 5.20 -11.84 31.89
C TRP A 28 4.61 -10.57 32.51
N LYS A 29 5.39 -9.51 32.62
CA LYS A 29 4.86 -8.28 33.18
C LYS A 29 3.74 -7.73 32.29
N ALA A 30 3.92 -7.83 30.98
CA ALA A 30 2.92 -7.32 30.04
C ALA A 30 1.60 -8.09 30.14
N VAL A 31 1.66 -9.40 30.39
CA VAL A 31 0.43 -10.18 30.45
C VAL A 31 -0.42 -9.77 31.64
N GLU A 32 0.13 -9.08 32.63
N GLU A 32 0.13 -9.09 32.63
CA GLU A 32 -0.69 -8.56 33.72
CA GLU A 32 -0.70 -8.56 33.72
C GLU A 32 -1.72 -7.53 33.26
C GLU A 32 -1.74 -7.56 33.24
N TYR A 33 -1.54 -6.96 32.07
CA TYR A 33 -2.53 -6.05 31.51
C TYR A 33 -3.70 -6.81 30.89
N VAL A 34 -3.56 -8.13 30.70
CA VAL A 34 -4.64 -8.94 30.15
C VAL A 34 -5.56 -9.34 31.29
N LYS A 35 -6.85 -9.03 31.13
CA LYS A 35 -7.88 -9.33 32.10
C LYS A 35 -8.89 -10.27 31.45
N SER A 36 -9.48 -11.14 32.25
CA SER A 36 -10.54 -12.02 31.75
C SER A 36 -11.57 -11.17 31.02
N GLY A 37 -12.04 -11.70 29.90
CA GLY A 37 -13.04 -11.00 29.09
C GLY A 37 -12.48 -10.27 27.90
N MET A 38 -11.18 -10.13 27.79
CA MET A 38 -10.63 -9.28 26.77
C MET A 38 -10.43 -9.98 25.43
N VAL A 39 -10.42 -9.15 24.39
CA VAL A 39 -9.88 -9.47 23.07
C VAL A 39 -8.44 -8.95 23.02
N VAL A 40 -7.51 -9.83 22.71
CA VAL A 40 -6.09 -9.55 22.87
C VAL A 40 -5.34 -9.75 21.55
N GLY A 41 -4.62 -8.73 21.14
CA GLY A 41 -3.73 -8.86 19.98
C GLY A 41 -2.46 -9.56 20.37
N LEU A 42 -2.13 -10.60 19.63
CA LEU A 42 -0.98 -11.46 19.94
C LEU A 42 0.15 -11.14 18.96
N GLY A 43 1.26 -10.66 19.49
CA GLY A 43 2.39 -10.26 18.67
C GLY A 43 3.17 -11.41 18.05
N THR A 44 4.27 -11.03 17.39
CA THR A 44 5.15 -11.92 16.66
C THR A 44 6.59 -11.67 17.07
N GLY A 45 7.34 -12.75 17.20
CA GLY A 45 8.76 -12.69 17.48
C GLY A 45 9.05 -13.34 18.81
N SER A 46 10.35 -13.49 19.10
CA SER A 46 10.73 -14.24 20.30
C SER A 46 10.21 -13.60 21.58
N THR A 47 10.20 -12.27 21.67
CA THR A 47 9.71 -11.66 22.90
C THR A 47 8.21 -11.88 23.05
N ALA A 48 7.47 -11.58 21.99
CA ALA A 48 6.03 -11.78 22.04
C ALA A 48 5.67 -13.23 22.30
N ALA A 49 6.47 -14.17 21.79
CA ALA A 49 6.13 -15.58 21.93
C ALA A 49 6.08 -15.97 23.41
N PHE A 50 6.94 -15.37 24.24
CA PHE A 50 6.83 -15.66 25.67
C PHE A 50 5.48 -15.18 26.23
N ALA A 51 5.00 -14.03 25.75
CA ALA A 51 3.71 -13.54 26.23
C ALA A 51 2.58 -14.45 25.75
N VAL A 52 2.66 -14.92 24.50
CA VAL A 52 1.60 -15.80 24.01
C VAL A 52 1.58 -17.07 24.83
N ASP A 53 2.77 -17.58 25.16
N ASP A 53 2.77 -17.58 25.12
CA ASP A 53 2.87 -18.84 25.94
CA ASP A 53 2.95 -18.80 25.96
C ASP A 53 2.32 -18.62 27.34
C ASP A 53 2.27 -18.59 27.31
N ARG A 54 2.55 -17.45 27.94
CA ARG A 54 2.05 -17.16 29.26
C ARG A 54 0.52 -17.01 29.27
N ILE A 55 -0.05 -16.36 28.25
CA ILE A 55 -1.50 -16.26 28.17
C ILE A 55 -2.10 -17.66 28.08
N GLY A 56 -1.50 -18.51 27.25
CA GLY A 56 -2.00 -19.85 27.10
C GLY A 56 -1.92 -20.64 28.39
N GLN A 57 -0.84 -20.46 29.15
N GLN A 57 -0.83 -20.46 29.15
CA GLN A 57 -0.72 -21.18 30.41
CA GLN A 57 -0.68 -21.14 30.42
C GLN A 57 -1.73 -20.70 31.44
C GLN A 57 -1.74 -20.69 31.41
N LEU A 58 -1.93 -19.39 31.54
CA LEU A 58 -2.91 -18.85 32.48
C LEU A 58 -4.32 -19.32 32.13
N LEU A 59 -4.64 -19.42 30.83
CA LEU A 59 -5.95 -19.96 30.46
C LEU A 59 -6.07 -21.42 30.88
N LYS A 60 -5.07 -22.24 30.59
CA LYS A 60 -5.14 -23.64 30.97
C LYS A 60 -5.30 -23.80 32.47
N GLU A 61 -4.70 -22.90 33.25
CA GLU A 61 -4.76 -22.97 34.71
C GLU A 61 -6.01 -22.32 35.30
N GLY A 62 -6.88 -21.73 34.46
CA GLY A 62 -8.07 -21.07 34.95
C GLY A 62 -7.86 -19.70 35.52
N LYS A 63 -6.63 -19.19 35.43
CA LYS A 63 -6.28 -17.85 35.98
C LYS A 63 -6.88 -16.76 35.09
N LEU A 64 -7.05 -17.04 33.80
CA LEU A 64 -7.74 -16.17 32.86
C LEU A 64 -8.90 -16.96 32.30
N GLN A 65 -9.96 -16.24 31.95
CA GLN A 65 -11.11 -16.81 31.24
C GLN A 65 -11.61 -15.82 30.21
N ASN A 66 -12.37 -16.35 29.26
CA ASN A 66 -13.07 -15.54 28.28
C ASN A 66 -12.13 -14.60 27.54
N ILE A 67 -11.04 -15.17 27.04
CA ILE A 67 -10.07 -14.46 26.21
C ILE A 67 -10.27 -14.93 24.78
N VAL A 68 -10.22 -13.97 23.85
CA VAL A 68 -10.04 -14.28 22.43
C VAL A 68 -8.76 -13.60 21.97
N GLY A 69 -7.93 -14.35 21.25
CA GLY A 69 -6.69 -13.84 20.69
C GLY A 69 -6.81 -13.56 19.21
N VAL A 70 -6.10 -12.51 18.76
CA VAL A 70 -6.05 -12.09 17.40
C VAL A 70 -4.59 -12.08 16.95
N PRO A 71 -4.18 -13.07 16.16
CA PRO A 71 -2.75 -13.19 15.82
C PRO A 71 -2.28 -12.20 14.77
N THR A 72 -1.02 -11.77 14.94
CA THR A 72 -0.38 -10.84 14.00
C THR A 72 0.48 -11.54 12.94
N SER A 73 0.52 -12.85 12.91
CA SER A 73 1.28 -13.58 11.91
C SER A 73 0.76 -15.01 11.86
N ILE A 74 1.04 -15.67 10.72
CA ILE A 74 0.76 -17.08 10.61
C ILE A 74 1.52 -17.84 11.69
N ARG A 75 2.78 -17.45 11.97
CA ARG A 75 3.54 -18.10 13.03
C ARG A 75 2.84 -18.01 14.39
N THR A 76 2.34 -16.84 14.75
CA THR A 76 1.67 -16.70 16.03
C THR A 76 0.32 -17.41 16.05
N TYR A 77 -0.40 -17.39 14.93
CA TYR A 77 -1.60 -18.21 14.81
C TYR A 77 -1.29 -19.65 15.17
N GLU A 78 -0.22 -20.20 14.59
CA GLU A 78 0.14 -21.58 14.85
C GLU A 78 0.49 -21.78 16.31
N GLN A 79 1.22 -20.84 16.91
CA GLN A 79 1.58 -20.98 18.31
C GLN A 79 0.34 -20.99 19.21
N ALA A 80 -0.55 -20.03 18.99
CA ALA A 80 -1.76 -19.95 19.78
C ALA A 80 -2.65 -21.16 19.58
N LEU A 81 -2.73 -21.65 18.33
CA LEU A 81 -3.45 -22.89 18.04
C LEU A 81 -2.95 -24.02 18.93
N SER A 82 -1.62 -24.16 19.03
CA SER A 82 -1.04 -25.24 19.81
C SER A 82 -1.33 -25.11 21.29
N LEU A 83 -1.59 -23.90 21.78
CA LEU A 83 -1.85 -23.65 23.18
C LEU A 83 -3.33 -23.69 23.53
N GLY A 84 -4.22 -23.80 22.54
CA GLY A 84 -5.65 -23.78 22.81
C GLY A 84 -6.25 -22.44 23.13
N ILE A 85 -5.62 -21.35 22.69
CA ILE A 85 -6.18 -20.02 22.93
C ILE A 85 -7.27 -19.81 21.90
N PRO A 86 -8.52 -19.48 22.28
CA PRO A 86 -9.54 -19.17 21.28
C PRO A 86 -9.08 -18.03 20.39
N LEU A 87 -9.31 -18.14 19.08
CA LEU A 87 -8.75 -17.18 18.15
C LEU A 87 -9.83 -16.57 17.29
N ALA A 88 -9.58 -15.34 16.86
CA ALA A 88 -10.42 -14.68 15.88
C ALA A 88 -9.55 -13.75 15.04
N THR A 89 -10.18 -13.01 14.14
CA THR A 89 -9.51 -11.98 13.37
C THR A 89 -10.28 -10.67 13.52
N LEU A 90 -9.68 -9.59 13.00
CA LEU A 90 -10.34 -8.29 13.02
C LEU A 90 -11.70 -8.32 12.32
N ASP A 91 -11.92 -9.26 11.39
CA ASP A 91 -13.23 -9.34 10.73
C ASP A 91 -14.33 -9.65 11.72
N GLU A 92 -14.01 -10.40 12.78
CA GLU A 92 -14.96 -10.77 13.82
C GLU A 92 -14.83 -9.90 15.06
N GLN A 93 -13.63 -9.43 15.38
CA GLN A 93 -13.37 -8.62 16.55
C GLN A 93 -12.57 -7.41 16.09
N PRO A 94 -13.25 -6.37 15.61
CA PRO A 94 -12.55 -5.19 15.08
C PRO A 94 -11.97 -4.29 16.14
N LYS A 95 -12.34 -4.50 17.41
CA LYS A 95 -11.90 -3.66 18.52
C LYS A 95 -11.21 -4.56 19.53
N LEU A 96 -9.94 -4.31 19.78
CA LEU A 96 -9.19 -5.10 20.76
C LEU A 96 -8.97 -4.28 22.02
N ASP A 97 -8.93 -4.98 23.15
CA ASP A 97 -8.67 -4.29 24.40
C ASP A 97 -7.19 -4.01 24.62
N VAL A 98 -6.36 -5.02 24.40
CA VAL A 98 -4.93 -4.95 24.64
C VAL A 98 -4.24 -5.71 23.51
N ALA A 99 -3.09 -5.20 23.09
CA ALA A 99 -2.23 -5.90 22.15
C ALA A 99 -0.87 -5.93 22.81
N ILE A 100 -0.18 -7.05 22.74
CA ILE A 100 1.16 -7.22 23.27
C ILE A 100 2.07 -7.62 22.12
N ASP A 101 3.15 -6.86 21.91
CA ASP A 101 4.07 -7.16 20.82
C ASP A 101 5.44 -6.61 21.16
N GLY A 102 6.45 -7.13 20.47
CA GLY A 102 7.80 -6.62 20.57
C GLY A 102 8.05 -5.44 19.65
N ALA A 103 9.32 -5.04 19.61
CA ALA A 103 9.77 -3.96 18.74
C ALA A 103 11.26 -4.14 18.48
N ASP A 104 11.67 -3.64 17.30
CA ASP A 104 13.07 -3.69 16.91
C ASP A 104 13.84 -2.49 17.45
N GLU A 105 13.20 -1.33 17.48
CA GLU A 105 13.77 -0.12 18.07
C GLU A 105 12.65 0.59 18.81
N VAL A 106 12.98 1.22 19.95
CA VAL A 106 12.02 2.03 20.77
C VAL A 106 12.70 3.38 21.03
N ASP A 107 12.13 4.51 20.58
CA ASP A 107 12.76 5.84 20.77
C ASP A 107 12.22 6.49 22.06
N PRO A 108 12.67 7.69 22.48
CA PRO A 108 12.21 8.32 23.74
C PRO A 108 10.71 8.60 23.88
N ASN A 109 9.98 8.71 22.76
CA ASN A 109 8.52 8.99 22.77
C ASN A 109 7.69 7.72 22.60
N LEU A 110 8.32 6.51 22.57
CA LEU A 110 7.68 5.22 22.33
C LEU A 110 7.14 5.11 20.89
N ASP A 111 7.75 5.82 19.94
CA ASP A 111 7.66 5.46 18.53
C ASP A 111 8.64 4.32 18.29
N VAL A 112 8.27 3.37 17.44
CA VAL A 112 9.06 2.17 17.28
C VAL A 112 9.25 1.79 15.81
N VAL A 113 10.29 1.00 15.58
CA VAL A 113 10.48 0.30 14.31
C VAL A 113 10.19 -1.16 14.57
N LYS A 114 9.40 -1.75 13.67
CA LYS A 114 9.05 -3.15 13.72
C LYS A 114 9.14 -3.75 12.31
N GLY A 115 9.14 -5.08 12.30
CA GLY A 115 9.07 -5.86 11.07
C GLY A 115 10.30 -6.63 10.68
N ARG A 116 11.33 -6.63 11.52
CA ARG A 116 12.55 -7.38 11.19
C ARG A 116 12.15 -8.84 11.03
N GLY A 117 11.10 -9.41 11.74
CA GLY A 117 10.58 -10.75 11.59
C GLY A 117 9.62 -10.93 10.44
N GLY A 118 9.31 -9.86 9.71
CA GLY A 118 8.51 -9.98 8.49
C GLY A 118 7.05 -9.63 8.62
N ALA A 119 6.55 -9.36 9.83
CA ALA A 119 5.11 -9.32 10.09
C ALA A 119 4.58 -7.92 10.32
N LEU A 120 5.30 -6.90 9.87
N LEU A 120 5.26 -6.90 9.78
CA LEU A 120 4.90 -5.50 10.09
CA LEU A 120 4.90 -5.52 10.09
C LEU A 120 3.45 -5.22 9.74
C LEU A 120 3.47 -5.17 9.70
N LEU A 121 2.95 -5.74 8.59
CA LEU A 121 1.63 -5.30 8.11
C LEU A 121 0.52 -5.73 9.06
N ARG A 122 0.44 -7.01 9.35
CA ARG A 122 -0.62 -7.52 10.20
C ARG A 122 -0.43 -7.02 11.62
N GLU A 123 0.82 -6.87 12.08
CA GLU A 123 1.04 -6.23 13.37
C GLU A 123 0.43 -4.84 13.40
N LYS A 124 0.66 -4.05 12.35
CA LYS A 124 0.15 -2.69 12.33
C LYS A 124 -1.37 -2.66 12.33
N MET A 125 -2.00 -3.52 11.52
CA MET A 125 -3.45 -3.56 11.48
C MET A 125 -4.03 -3.93 12.84
N VAL A 126 -3.49 -4.99 13.43
CA VAL A 126 -4.00 -5.47 14.72
C VAL A 126 -3.76 -4.43 15.82
N GLU A 127 -2.56 -3.87 15.88
CA GLU A 127 -2.26 -2.96 16.96
C GLU A 127 -2.96 -1.61 16.79
N MET A 128 -3.22 -1.17 15.56
CA MET A 128 -4.03 0.03 15.36
C MET A 128 -5.45 -0.14 15.88
N ALA A 129 -5.94 -1.36 15.96
CA ALA A 129 -7.29 -1.63 16.44
C ALA A 129 -7.35 -1.84 17.94
N SER A 130 -6.24 -1.68 18.64
CA SER A 130 -6.17 -2.04 20.05
C SER A 130 -6.18 -0.80 20.93
N ALA A 131 -7.04 -0.83 21.95
CA ALA A 131 -7.17 0.32 22.85
C ALA A 131 -5.90 0.57 23.63
N LYS A 132 -5.17 -0.49 23.98
CA LYS A 132 -3.90 -0.35 24.69
C LYS A 132 -2.88 -1.28 24.05
N PHE A 133 -1.84 -0.69 23.48
CA PHE A 133 -0.75 -1.43 22.85
C PHE A 133 0.42 -1.39 23.82
N VAL A 134 0.70 -2.56 24.39
CA VAL A 134 1.82 -2.78 25.30
C VAL A 134 2.98 -3.35 24.51
N CYS A 135 4.09 -2.64 24.46
CA CYS A 135 5.29 -3.10 23.76
C CYS A 135 6.29 -3.66 24.76
N ILE A 136 6.82 -4.82 24.46
CA ILE A 136 7.73 -5.52 25.37
C ILE A 136 9.09 -5.68 24.71
N VAL A 137 10.13 -5.25 25.42
CA VAL A 137 11.48 -5.32 24.90
C VAL A 137 12.46 -5.59 26.02
N ASP A 138 13.58 -6.16 25.64
CA ASP A 138 14.77 -6.06 26.48
C ASP A 138 15.47 -4.74 26.12
N ASP A 139 16.36 -4.30 27.00
CA ASP A 139 16.82 -2.92 26.85
C ASP A 139 17.76 -2.68 25.69
N SER A 140 18.20 -3.73 24.98
CA SER A 140 19.00 -3.55 23.78
C SER A 140 18.22 -2.88 22.66
N LYS A 141 16.89 -2.81 22.76
CA LYS A 141 16.09 -2.23 21.71
C LYS A 141 15.93 -0.72 21.81
N LEU A 142 16.41 -0.08 22.87
CA LEU A 142 16.19 1.35 23.05
C LEU A 142 17.15 2.12 22.19
N VAL A 143 16.63 3.13 21.51
CA VAL A 143 17.40 4.02 20.65
C VAL A 143 17.08 5.45 21.03
N GLU A 144 18.01 6.35 20.72
CA GLU A 144 17.74 7.78 20.84
C GLU A 144 16.89 8.28 19.68
N GLY A 145 17.08 7.71 18.50
CA GLY A 145 16.28 8.09 17.37
C GLY A 145 16.02 6.91 16.44
N LEU A 146 14.83 6.87 15.85
CA LEU A 146 14.50 5.76 14.95
C LEU A 146 15.46 5.75 13.76
N GLY A 147 15.88 4.55 13.39
CA GLY A 147 16.89 4.31 12.40
C GLY A 147 18.25 4.18 13.02
N GLY A 148 18.37 4.62 14.27
CA GLY A 148 19.64 4.75 14.95
C GLY A 148 20.30 3.44 15.31
N SER A 149 19.58 2.32 15.26
CA SER A 149 20.22 1.03 15.48
C SER A 149 21.15 0.64 14.34
N LYS A 150 21.05 1.32 13.18
CA LYS A 150 21.78 0.98 11.96
C LYS A 150 21.33 -0.35 11.37
N LEU A 151 20.22 -0.89 11.83
CA LEU A 151 19.69 -2.16 11.34
C LEU A 151 18.40 -1.85 10.59
N ALA A 152 17.80 -2.91 10.06
CA ALA A 152 16.78 -2.75 9.02
C ALA A 152 15.55 -1.97 9.46
N MET A 153 15.14 -1.03 8.63
CA MET A 153 13.86 -0.36 8.74
C MET A 153 13.02 -0.88 7.59
N PRO A 154 12.13 -1.83 7.84
CA PRO A 154 11.50 -2.57 6.73
C PRO A 154 10.35 -1.83 6.06
N VAL A 155 10.24 -2.06 4.75
CA VAL A 155 9.15 -1.56 3.92
C VAL A 155 8.58 -2.71 3.12
N GLU A 156 7.30 -2.99 3.28
CA GLU A 156 6.65 -4.05 2.51
C GLU A 156 6.18 -3.45 1.18
N ILE A 157 6.55 -4.12 0.08
CA ILE A 157 6.29 -3.66 -1.28
C ILE A 157 5.62 -4.75 -2.11
N VAL A 158 4.89 -4.31 -3.12
CA VAL A 158 4.38 -5.27 -4.08
C VAL A 158 5.52 -5.88 -4.88
N GLN A 159 5.26 -7.06 -5.45
CA GLN A 159 6.28 -7.75 -6.22
C GLN A 159 6.53 -7.13 -7.57
N PHE A 160 5.51 -6.57 -8.19
CA PHE A 160 5.60 -6.04 -9.54
C PHE A 160 6.66 -4.94 -9.63
N CYS A 161 7.62 -5.12 -10.53
CA CYS A 161 8.70 -4.15 -10.73
C CYS A 161 9.34 -3.77 -9.39
N HIS A 162 9.61 -4.76 -8.53
CA HIS A 162 10.22 -4.44 -7.25
C HIS A 162 11.60 -3.82 -7.37
N LYS A 163 12.35 -4.13 -8.42
CA LYS A 163 13.65 -3.50 -8.57
C LYS A 163 13.50 -1.99 -8.73
N TYR A 164 12.54 -1.59 -9.55
CA TYR A 164 12.16 -0.19 -9.73
C TYR A 164 11.76 0.44 -8.38
N THR A 165 10.84 -0.19 -7.66
CA THR A 165 10.38 0.36 -6.40
C THR A 165 11.52 0.54 -5.39
N LEU A 166 12.43 -0.43 -5.31
CA LEU A 166 13.56 -0.31 -4.40
C LEU A 166 14.36 0.96 -4.68
N GLN A 167 14.62 1.26 -5.94
CA GLN A 167 15.42 2.46 -6.32
C GLN A 167 14.62 3.73 -5.97
N ARG A 168 13.31 3.74 -6.21
CA ARG A 168 12.49 4.93 -5.89
C ARG A 168 12.49 5.15 -4.37
N LEU A 169 12.41 4.07 -3.61
CA LEU A 169 12.42 4.08 -2.12
C LEU A 169 13.73 4.70 -1.64
N ALA A 170 14.85 4.24 -2.18
CA ALA A 170 16.16 4.69 -1.74
C ALA A 170 16.36 6.18 -2.00
N ASN A 171 15.63 6.75 -2.95
CA ASN A 171 15.86 8.11 -3.39
C ASN A 171 14.85 9.10 -2.84
N LEU A 172 13.94 8.69 -1.97
CA LEU A 172 12.98 9.62 -1.41
C LEU A 172 13.73 10.64 -0.55
N PRO A 173 13.40 11.93 -0.66
CA PRO A 173 14.11 12.92 0.16
C PRO A 173 14.22 12.55 1.62
N GLU A 174 13.17 11.96 2.18
CA GLU A 174 13.10 11.71 3.63
C GLU A 174 14.08 10.63 4.09
N VAL A 175 14.59 9.80 3.17
CA VAL A 175 15.46 8.70 3.57
C VAL A 175 16.71 8.70 2.72
N LYS A 176 16.74 9.55 1.69
CA LYS A 176 17.88 9.53 0.78
C LYS A 176 19.17 9.63 1.58
N GLY A 177 20.11 8.75 1.26
CA GLY A 177 21.31 8.50 2.05
C GLY A 177 21.38 7.08 2.60
N CYS A 178 20.23 6.46 2.83
CA CYS A 178 20.22 5.10 3.33
C CYS A 178 20.73 4.11 2.27
N GLU A 179 21.01 2.89 2.72
CA GLU A 179 21.15 1.75 1.83
C GLU A 179 19.80 1.03 1.79
N ALA A 180 19.49 0.40 0.66
CA ALA A 180 18.21 -0.29 0.49
C ALA A 180 18.46 -1.65 -0.12
N LYS A 181 17.94 -2.70 0.52
CA LYS A 181 18.20 -4.07 0.11
C LYS A 181 16.92 -4.89 0.15
N LEU A 182 16.68 -5.59 -0.95
CA LEU A 182 15.57 -6.53 -0.98
C LEU A 182 15.86 -7.66 -0.02
N ARG A 183 14.97 -7.90 0.94
CA ARG A 183 15.20 -8.94 1.93
C ARG A 183 15.18 -10.33 1.29
N MET A 184 16.20 -11.13 1.62
CA MET A 184 16.39 -12.45 1.03
C MET A 184 16.21 -13.54 2.06
N ASN A 185 15.71 -14.66 1.58
CA ASN A 185 15.63 -15.90 2.34
C ASN A 185 16.58 -16.84 1.59
N GLY A 186 17.85 -16.82 1.99
CA GLY A 186 18.85 -17.50 1.17
C GLY A 186 18.99 -16.84 -0.19
N ASP A 187 18.91 -17.63 -1.25
CA ASP A 187 19.08 -17.13 -2.60
C ASP A 187 17.76 -16.75 -3.25
N LYS A 188 16.69 -16.63 -2.48
CA LYS A 188 15.40 -16.26 -3.01
C LYS A 188 14.90 -15.08 -2.21
N PRO A 189 14.09 -14.20 -2.79
CA PRO A 189 13.52 -13.14 -1.95
C PRO A 189 12.60 -13.67 -0.86
N TYR A 190 12.62 -12.98 0.28
CA TYR A 190 11.71 -13.26 1.38
C TYR A 190 10.29 -12.86 0.98
N VAL A 191 9.33 -13.72 1.30
CA VAL A 191 7.91 -13.49 1.02
C VAL A 191 7.17 -13.35 2.33
N THR A 192 6.43 -12.26 2.46
CA THR A 192 5.67 -12.05 3.68
C THR A 192 4.42 -12.93 3.72
N ASP A 193 3.76 -12.93 4.87
CA ASP A 193 2.48 -13.62 5.03
C ASP A 193 1.44 -13.11 4.03
N ASN A 194 1.64 -11.92 3.45
CA ASN A 194 0.72 -11.33 2.49
C ASN A 194 1.18 -11.46 1.05
N SER A 195 2.18 -12.31 0.80
N SER A 195 2.18 -12.31 0.79
CA SER A 195 2.70 -12.59 -0.54
CA SER A 195 2.68 -12.57 -0.55
C SER A 195 3.48 -11.43 -1.14
C SER A 195 3.46 -11.40 -1.15
N ASN A 196 3.99 -10.51 -0.31
CA ASN A 196 4.73 -9.35 -0.79
C ASN A 196 6.21 -9.54 -0.47
N TYR A 197 7.02 -8.63 -0.99
CA TYR A 197 8.47 -8.56 -0.71
C TYR A 197 8.70 -7.46 0.32
N ILE A 198 9.89 -7.42 0.88
CA ILE A 198 10.35 -6.39 1.82
C ILE A 198 11.63 -5.78 1.31
N VAL A 199 11.68 -4.45 1.29
CA VAL A 199 12.91 -3.70 1.11
C VAL A 199 13.30 -3.17 2.48
N ASP A 200 14.47 -3.56 2.95
CA ASP A 200 15.00 -3.08 4.22
C ASP A 200 15.86 -1.86 3.96
N LEU A 201 15.59 -0.78 4.70
CA LEU A 201 16.37 0.45 4.60
C LEU A 201 17.32 0.49 5.78
N TYR A 202 18.56 0.89 5.53
CA TYR A 202 19.61 0.91 6.55
C TYR A 202 20.18 2.30 6.62
N PHE A 203 20.21 2.88 7.82
CA PHE A 203 20.64 4.25 8.05
C PHE A 203 21.93 4.24 8.86
N GLN A 204 22.77 5.25 8.62
CA GLN A 204 23.94 5.44 9.48
C GLN A 204 23.64 6.35 10.67
N THR A 205 22.65 7.20 10.56
CA THR A 205 22.21 8.13 11.60
C THR A 205 20.69 8.10 11.58
N PRO A 206 20.05 8.52 12.65
CA PRO A 206 18.59 8.44 12.71
C PRO A 206 17.90 9.22 11.59
N ILE A 207 16.67 8.80 11.27
CA ILE A 207 15.80 9.43 10.23
C ILE A 207 15.56 10.88 10.68
N LYS A 208 15.66 11.82 9.75
CA LYS A 208 15.49 13.26 10.07
C LYS A 208 14.12 13.52 10.69
N ASP A 209 13.05 13.01 10.07
CA ASP A 209 11.65 13.24 10.52
C ASP A 209 10.81 12.00 10.23
N SER A 210 10.59 11.22 11.27
N SER A 210 10.59 11.22 11.26
CA SER A 210 9.93 9.93 11.07
CA SER A 210 9.93 9.93 11.04
C SER A 210 8.52 10.09 10.52
C SER A 210 8.52 10.09 10.52
N GLN A 211 7.79 11.14 10.93
CA GLN A 211 6.45 11.32 10.38
C GLN A 211 6.54 11.62 8.90
N ALA A 212 7.49 12.47 8.51
CA ALA A 212 7.66 12.79 7.10
C ALA A 212 8.13 11.58 6.30
N ALA A 213 9.04 10.79 6.89
CA ALA A 213 9.44 9.54 6.23
C ALA A 213 8.27 8.60 6.07
N SER A 214 7.42 8.48 7.09
CA SER A 214 6.25 7.63 6.97
C SER A 214 5.35 8.08 5.81
N LYS A 215 5.10 9.39 5.73
CA LYS A 215 4.19 9.88 4.70
C LYS A 215 4.76 9.63 3.31
N ALA A 216 6.04 9.89 3.15
CA ALA A 216 6.66 9.75 1.84
C ALA A 216 6.72 8.30 1.41
N ILE A 217 7.06 7.41 2.32
CA ILE A 217 7.10 6.00 1.98
C ILE A 217 5.72 5.48 1.61
N LEU A 218 4.70 5.84 2.41
CA LEU A 218 3.33 5.42 2.11
C LEU A 218 2.82 6.06 0.83
N GLY A 219 3.35 7.21 0.48
CA GLY A 219 2.89 7.86 -0.73
C GLY A 219 3.49 7.30 -2.00
N LEU A 220 4.44 6.38 -1.87
CA LEU A 220 5.09 5.82 -3.05
C LEU A 220 4.25 4.66 -3.57
N ASP A 221 3.71 4.82 -4.77
CA ASP A 221 2.96 3.73 -5.40
C ASP A 221 3.88 2.55 -5.58
N GLY A 222 3.43 1.40 -5.08
CA GLY A 222 4.22 0.18 -5.01
C GLY A 222 4.47 -0.23 -3.59
N VAL A 223 4.37 0.67 -2.66
CA VAL A 223 4.52 0.38 -1.25
C VAL A 223 3.21 -0.08 -0.66
N VAL A 224 3.27 -1.15 0.13
CA VAL A 224 2.14 -1.60 0.91
C VAL A 224 2.12 -0.92 2.28
N ASP A 225 3.17 -1.10 3.06
CA ASP A 225 3.25 -0.44 4.37
C ASP A 225 4.70 -0.50 4.83
N HIS A 226 4.97 0.00 6.03
CA HIS A 226 6.34 0.07 6.49
C HIS A 226 6.40 -0.12 8.00
N GLY A 227 7.61 -0.24 8.50
CA GLY A 227 7.94 -0.56 9.87
C GLY A 227 7.99 0.60 10.86
N LEU A 228 7.63 1.81 10.45
CA LEU A 228 7.55 2.94 11.39
C LEU A 228 6.17 2.93 12.03
N PHE A 229 6.15 2.62 13.33
CA PHE A 229 4.91 2.52 14.11
C PHE A 229 4.90 3.73 15.03
N LEU A 230 4.23 4.79 14.58
CA LEU A 230 4.29 6.09 15.24
C LEU A 230 2.98 6.37 15.94
N ASP A 231 3.11 6.91 17.15
CA ASP A 231 1.94 7.31 17.95
C ASP A 231 1.02 6.14 18.23
N MET A 232 1.60 4.95 18.46
CA MET A 232 0.83 3.72 18.64
C MET A 232 1.05 3.11 20.01
N VAL A 233 2.29 2.91 20.41
CA VAL A 233 2.56 2.26 21.69
C VAL A 233 2.03 3.13 22.83
N ASP A 234 1.30 2.50 23.74
CA ASP A 234 0.79 3.18 24.94
C ASP A 234 1.66 2.95 26.15
N VAL A 235 2.21 1.75 26.29
CA VAL A 235 3.03 1.38 27.43
C VAL A 235 4.16 0.54 26.88
N CYS A 236 5.38 0.81 27.31
CA CYS A 236 6.52 -0.02 26.96
C CYS A 236 7.09 -0.61 28.24
N ILE A 237 7.25 -1.92 28.25
CA ILE A 237 7.84 -2.68 29.34
C ILE A 237 9.24 -3.07 28.92
N ILE A 238 10.23 -2.63 29.71
CA ILE A 238 11.63 -2.78 29.35
C ILE A 238 12.30 -3.62 30.42
N ALA A 239 12.87 -4.76 30.01
CA ALA A 239 13.63 -5.60 30.92
C ALA A 239 15.12 -5.40 30.68
N GLY A 240 15.86 -5.09 31.76
CA GLY A 240 17.31 -4.97 31.70
C GLY A 240 17.94 -5.58 32.93
N ALA A 241 19.27 -5.49 33.00
CA ALA A 241 19.99 -6.13 34.10
C ALA A 241 19.52 -5.62 35.45
N THR A 242 19.07 -4.37 35.49
CA THR A 242 18.63 -3.73 36.72
C THR A 242 17.27 -4.24 37.17
N GLY A 243 16.43 -4.66 36.24
CA GLY A 243 15.09 -5.03 36.56
C GLY A 243 14.19 -4.65 35.40
N VAL A 244 12.89 -4.61 35.68
CA VAL A 244 11.85 -4.34 34.69
C VAL A 244 11.28 -2.96 34.94
N THR A 245 11.24 -2.13 33.90
CA THR A 245 10.74 -0.77 33.96
C THR A 245 9.48 -0.65 33.09
N VAL A 246 8.57 0.21 33.51
CA VAL A 246 7.32 0.45 32.79
C VAL A 246 7.28 1.92 32.41
N GLN A 247 7.28 2.20 31.10
CA GLN A 247 7.23 3.56 30.59
C GLN A 247 5.91 3.78 29.87
N GLU A 248 5.16 4.80 30.28
CA GLU A 248 3.96 5.16 29.56
C GLU A 248 4.25 6.29 28.58
N ARG A 249 3.42 6.40 27.55
CA ARG A 249 3.69 7.36 26.48
C ARG A 249 3.80 8.76 27.07
N PRO A 250 4.93 9.48 26.86
CA PRO A 250 5.06 10.87 27.32
C PRO A 250 3.87 11.75 26.98
N THR B 15 -23.71 13.82 -31.95
CA THR B 15 -24.95 13.24 -32.46
C THR B 15 -24.67 12.18 -33.54
N GLN B 16 -24.01 12.56 -34.63
CA GLN B 16 -23.57 11.54 -35.60
C GLN B 16 -22.40 10.71 -35.07
N LEU B 17 -21.51 11.30 -34.29
CA LEU B 17 -20.31 10.60 -33.82
C LEU B 17 -20.67 9.66 -32.69
N SER B 18 -20.30 8.41 -32.85
CA SER B 18 -20.51 7.40 -31.82
C SER B 18 -19.44 7.59 -30.75
N GLN B 19 -19.68 6.95 -29.59
CA GLN B 19 -18.67 6.99 -28.54
C GLN B 19 -17.33 6.44 -29.02
N ASP B 20 -17.34 5.33 -29.75
CA ASP B 20 -16.08 4.78 -30.27
C ASP B 20 -15.39 5.75 -31.23
N GLU B 21 -16.16 6.45 -32.09
CA GLU B 21 -15.53 7.39 -32.99
C GLU B 21 -14.88 8.53 -32.22
N LEU B 22 -15.55 9.03 -31.16
CA LEU B 22 -14.97 10.08 -30.32
C LEU B 22 -13.69 9.59 -29.64
N LYS B 23 -13.73 8.39 -29.10
CA LYS B 23 -12.52 7.84 -28.45
C LYS B 23 -11.37 7.81 -29.43
N LYS B 24 -11.63 7.38 -30.66
CA LYS B 24 -10.55 7.28 -31.65
C LYS B 24 -10.01 8.66 -32.01
N GLN B 25 -10.89 9.65 -32.13
CA GLN B 25 -10.45 11.02 -32.42
C GLN B 25 -9.53 11.54 -31.32
N ALA B 26 -9.90 11.28 -30.07
CA ALA B 26 -9.05 11.75 -28.97
C ALA B 26 -7.71 11.05 -29.02
N ALA B 27 -7.75 9.74 -29.25
CA ALA B 27 -6.53 8.94 -29.33
C ALA B 27 -5.58 9.46 -30.39
N TRP B 28 -6.08 9.74 -31.60
CA TRP B 28 -5.17 10.15 -32.65
C TRP B 28 -4.55 11.49 -32.32
N LYS B 29 -5.32 12.42 -31.74
CA LYS B 29 -4.75 13.70 -31.35
C LYS B 29 -3.64 13.51 -30.32
N ALA B 30 -3.82 12.57 -29.39
CA ALA B 30 -2.81 12.34 -28.36
C ALA B 30 -1.52 11.77 -28.92
N VAL B 31 -1.62 10.94 -29.96
CA VAL B 31 -0.41 10.34 -30.51
C VAL B 31 0.50 11.40 -31.11
N GLU B 32 -0.02 12.59 -31.41
N GLU B 32 -0.03 12.59 -31.41
CA GLU B 32 0.83 13.67 -31.90
CA GLU B 32 0.81 13.68 -31.90
C GLU B 32 1.87 14.11 -30.88
C GLU B 32 1.87 14.10 -30.89
N TYR B 33 1.67 13.81 -29.61
CA TYR B 33 2.68 14.07 -28.59
C TYR B 33 3.83 13.03 -28.63
N VAL B 34 3.66 11.91 -29.32
CA VAL B 34 4.70 10.89 -29.42
C VAL B 34 5.64 11.28 -30.55
N LYS B 35 6.92 11.34 -30.22
CA LYS B 35 7.98 11.63 -31.17
C LYS B 35 8.95 10.45 -31.24
N SER B 36 9.56 10.30 -32.41
CA SER B 36 10.57 9.27 -32.61
C SER B 36 11.65 9.39 -31.54
N GLY B 37 12.03 8.24 -31.02
CA GLY B 37 13.02 8.13 -29.96
C GLY B 37 12.46 7.98 -28.58
N MET B 38 11.16 8.13 -28.40
CA MET B 38 10.60 8.20 -27.06
C MET B 38 10.34 6.82 -26.47
N VAL B 39 10.41 6.78 -25.14
CA VAL B 39 9.84 5.70 -24.34
C VAL B 39 8.41 6.13 -23.98
N VAL B 40 7.43 5.30 -24.33
CA VAL B 40 6.02 5.69 -24.25
C VAL B 40 5.28 4.74 -23.35
N GLY B 41 4.54 5.29 -22.40
CA GLY B 41 3.67 4.52 -21.54
C GLY B 41 2.36 4.23 -22.26
N LEU B 42 2.02 2.96 -22.40
CA LEU B 42 0.85 2.56 -23.20
C LEU B 42 -0.28 2.19 -22.25
N GLY B 43 -1.36 2.97 -22.31
CA GLY B 43 -2.47 2.81 -21.41
C GLY B 43 -3.31 1.58 -21.73
N THR B 44 -4.42 1.49 -21.02
CA THR B 44 -5.30 0.32 -21.03
C THR B 44 -6.74 0.75 -21.18
N GLY B 45 -7.49 -0.06 -21.91
CA GLY B 45 -8.90 0.17 -22.11
C GLY B 45 -9.19 0.56 -23.55
N SER B 46 -10.47 0.70 -23.81
CA SER B 46 -10.91 0.86 -25.21
C SER B 46 -10.39 2.15 -25.83
N THR B 47 -10.33 3.24 -25.06
CA THR B 47 -9.82 4.49 -25.62
C THR B 47 -8.32 4.40 -25.89
N ALA B 48 -7.58 3.90 -24.90
CA ALA B 48 -6.15 3.73 -25.09
C ALA B 48 -5.84 2.79 -26.24
N ALA B 49 -6.66 1.76 -26.43
CA ALA B 49 -6.38 0.81 -27.51
C ALA B 49 -6.34 1.50 -28.87
N PHE B 50 -7.13 2.55 -29.08
CA PHE B 50 -7.03 3.29 -30.32
C PHE B 50 -5.68 3.99 -30.45
N ALA B 51 -5.12 4.47 -29.33
CA ALA B 51 -3.81 5.12 -29.39
C ALA B 51 -2.71 4.10 -29.65
N VAL B 52 -2.79 2.94 -29.01
CA VAL B 52 -1.81 1.89 -29.28
C VAL B 52 -1.85 1.50 -30.74
N ASP B 53 -3.05 1.30 -31.29
N ASP B 53 -3.05 1.36 -31.31
CA ASP B 53 -3.18 0.99 -32.71
CA ASP B 53 -3.12 0.97 -32.72
C ASP B 53 -2.50 2.06 -33.55
C ASP B 53 -2.57 2.05 -33.63
N ARG B 54 -2.80 3.33 -33.28
CA ARG B 54 -2.26 4.43 -34.06
C ARG B 54 -0.74 4.47 -33.99
N ILE B 55 -0.16 4.25 -32.81
CA ILE B 55 1.29 4.20 -32.72
C ILE B 55 1.83 3.06 -33.56
N GLY B 56 1.17 1.91 -33.49
CA GLY B 56 1.63 0.76 -34.26
C GLY B 56 1.58 1.03 -35.75
N GLN B 57 0.50 1.68 -36.21
CA GLN B 57 0.33 2.06 -37.61
C GLN B 57 1.44 3.01 -38.06
N LEU B 58 1.71 4.04 -37.26
CA LEU B 58 2.72 5.01 -37.63
C LEU B 58 4.11 4.39 -37.67
N LEU B 59 4.41 3.47 -36.76
CA LEU B 59 5.67 2.74 -36.82
C LEU B 59 5.78 1.93 -38.11
N LYS B 60 4.73 1.19 -38.44
CA LYS B 60 4.73 0.39 -39.67
C LYS B 60 4.93 1.28 -40.89
N GLU B 61 4.37 2.46 -40.88
CA GLU B 61 4.49 3.39 -42.00
C GLU B 61 5.78 4.20 -42.00
N GLY B 62 6.63 4.05 -40.99
CA GLY B 62 7.87 4.79 -40.90
C GLY B 62 7.74 6.24 -40.46
N LYS B 63 6.53 6.68 -40.10
CA LYS B 63 6.36 8.04 -39.60
C LYS B 63 6.84 8.19 -38.16
N LEU B 64 6.89 7.08 -37.41
CA LEU B 64 7.60 7.05 -36.14
C LEU B 64 8.72 6.02 -36.25
N GLN B 65 9.78 6.27 -35.51
CA GLN B 65 10.91 5.36 -35.40
C GLN B 65 11.44 5.38 -33.97
N ASN B 66 12.10 4.28 -33.60
CA ASN B 66 12.86 4.21 -32.35
C ASN B 66 11.96 4.49 -31.14
N ILE B 67 10.84 3.81 -31.13
CA ILE B 67 9.86 3.86 -30.03
C ILE B 67 9.99 2.58 -29.22
N VAL B 68 9.97 2.73 -27.90
CA VAL B 68 9.79 1.61 -26.98
C VAL B 68 8.55 1.89 -26.14
N GLY B 69 7.65 0.92 -26.08
CA GLY B 69 6.45 1.04 -25.25
C GLY B 69 6.59 0.29 -23.96
N VAL B 70 6.00 0.85 -22.88
CA VAL B 70 5.87 0.18 -21.60
C VAL B 70 4.36 -0.05 -21.38
N PRO B 71 3.90 -1.28 -21.44
CA PRO B 71 2.45 -1.52 -21.30
C PRO B 71 2.01 -1.45 -19.85
N THR B 72 0.72 -1.19 -19.66
CA THR B 72 0.13 -1.07 -18.33
C THR B 72 -0.80 -2.21 -18.00
N SER B 73 -0.97 -3.18 -18.90
CA SER B 73 -1.85 -4.31 -18.65
C SER B 73 -1.45 -5.45 -19.56
N ILE B 74 -1.95 -6.65 -19.23
CA ILE B 74 -1.79 -7.80 -20.13
C ILE B 74 -2.41 -7.52 -21.49
N ARG B 75 -3.66 -7.02 -21.50
CA ARG B 75 -4.32 -6.68 -22.74
C ARG B 75 -3.45 -5.76 -23.61
N THR B 76 -2.87 -4.70 -23.00
CA THR B 76 -2.05 -3.78 -23.77
C THR B 76 -0.77 -4.43 -24.25
N TYR B 77 -0.16 -5.26 -23.42
CA TYR B 77 1.02 -6.00 -23.85
C TYR B 77 0.69 -6.82 -25.10
N GLU B 78 -0.41 -7.56 -25.04
CA GLU B 78 -0.78 -8.43 -26.15
C GLU B 78 -1.07 -7.61 -27.39
N GLN B 79 -1.78 -6.50 -27.25
CA GLN B 79 -2.10 -5.67 -28.40
C GLN B 79 -0.83 -5.11 -29.02
N ALA B 80 0.03 -4.50 -28.20
CA ALA B 80 1.23 -3.88 -28.74
C ALA B 80 2.15 -4.92 -29.36
N LEU B 81 2.26 -6.11 -28.74
CA LEU B 81 3.06 -7.19 -29.32
C LEU B 81 2.55 -7.57 -30.69
N SER B 82 1.22 -7.65 -30.85
CA SER B 82 0.62 -8.03 -32.13
C SER B 82 0.88 -6.98 -33.22
N LEU B 83 1.11 -5.74 -32.85
CA LEU B 83 1.42 -4.65 -33.76
C LEU B 83 2.90 -4.50 -34.03
N GLY B 84 3.75 -5.26 -33.33
CA GLY B 84 5.18 -5.11 -33.53
C GLY B 84 5.83 -3.93 -32.83
N ILE B 85 5.17 -3.36 -31.83
CA ILE B 85 5.76 -2.26 -31.10
C ILE B 85 6.80 -2.85 -30.15
N PRO B 86 8.06 -2.41 -30.17
CA PRO B 86 9.03 -2.88 -29.17
C PRO B 86 8.55 -2.55 -27.76
N LEU B 87 8.77 -3.48 -26.84
CA LEU B 87 8.22 -3.36 -25.51
C LEU B 87 9.30 -3.54 -24.45
N ALA B 88 9.06 -2.91 -23.31
CA ALA B 88 9.92 -2.98 -22.13
C ALA B 88 9.07 -2.88 -20.88
N THR B 89 9.69 -3.15 -19.72
CA THR B 89 9.03 -2.94 -18.45
C THR B 89 9.63 -1.71 -17.77
N LEU B 90 8.95 -1.26 -16.70
CA LEU B 90 9.51 -0.18 -15.88
C LEU B 90 10.87 -0.51 -15.30
N ASP B 91 11.14 -1.79 -15.01
CA ASP B 91 12.45 -2.17 -14.50
C ASP B 91 13.54 -1.86 -15.51
N GLU B 92 13.21 -1.97 -16.80
CA GLU B 92 14.14 -1.70 -17.89
C GLU B 92 14.16 -0.25 -18.33
N GLN B 93 13.00 0.41 -18.30
CA GLN B 93 12.85 1.81 -18.71
C GLN B 93 12.08 2.54 -17.62
N PRO B 94 12.78 3.00 -16.57
CA PRO B 94 12.10 3.59 -15.41
C PRO B 94 11.64 5.03 -15.62
N LYS B 95 12.08 5.66 -16.71
CA LYS B 95 11.67 7.02 -17.04
C LYS B 95 11.07 7.06 -18.45
N LEU B 96 9.83 7.52 -18.53
CA LEU B 96 9.11 7.56 -19.79
C LEU B 96 8.95 9.00 -20.23
N ASP B 97 8.97 9.22 -21.54
CA ASP B 97 8.79 10.58 -22.05
C ASP B 97 7.33 11.00 -22.05
N VAL B 98 6.46 10.12 -22.54
CA VAL B 98 5.04 10.39 -22.68
C VAL B 98 4.29 9.14 -22.30
N ALA B 99 3.18 9.29 -21.59
CA ALA B 99 2.24 8.21 -21.38
C ALA B 99 0.88 8.65 -21.93
N ILE B 100 0.20 7.74 -22.62
CA ILE B 100 -1.15 7.98 -23.12
C ILE B 100 -2.08 6.94 -22.49
N ASP B 101 -3.12 7.41 -21.81
CA ASP B 101 -4.09 6.48 -21.20
C ASP B 101 -5.45 7.16 -21.10
N GLY B 102 -6.47 6.35 -20.97
CA GLY B 102 -7.81 6.82 -20.72
C GLY B 102 -8.03 7.16 -19.27
N ALA B 103 -9.30 7.41 -18.95
CA ALA B 103 -9.68 7.68 -17.58
C ALA B 103 -11.14 7.31 -17.42
N ASP B 104 -11.48 6.90 -16.22
CA ASP B 104 -12.87 6.59 -15.91
C ASP B 104 -13.69 7.85 -15.58
N GLU B 105 -13.06 8.83 -14.95
CA GLU B 105 -13.67 10.14 -14.70
C GLU B 105 -12.59 11.21 -14.81
N VAL B 106 -12.97 12.42 -15.23
CA VAL B 106 -12.07 13.56 -15.31
C VAL B 106 -12.79 14.74 -14.69
N ASP B 107 -12.22 15.32 -13.69
CA ASP B 107 -12.80 16.49 -13.00
C ASP B 107 -12.23 17.79 -13.57
N PRO B 108 -12.72 18.97 -13.15
CA PRO B 108 -12.24 20.23 -13.76
C PRO B 108 -10.79 20.55 -13.52
N ASN B 109 -10.14 19.89 -12.56
CA ASN B 109 -8.72 20.06 -12.31
C ASN B 109 -7.86 19.13 -13.14
N LEU B 110 -8.47 18.24 -13.93
CA LEU B 110 -7.76 17.13 -14.55
C LEU B 110 -7.20 16.16 -13.52
N ASP B 111 -7.83 16.07 -12.37
CA ASP B 111 -7.69 14.91 -11.50
C ASP B 111 -8.67 13.86 -12.02
N VAL B 112 -8.29 12.59 -11.94
CA VAL B 112 -9.02 11.53 -12.62
C VAL B 112 -9.20 10.34 -11.70
N VAL B 113 -10.24 9.56 -11.96
CA VAL B 113 -10.39 8.22 -11.41
C VAL B 113 -9.96 7.27 -12.51
N LYS B 114 -9.07 6.33 -12.12
CA LYS B 114 -8.57 5.30 -13.02
C LYS B 114 -8.54 3.97 -12.32
N GLY B 115 -8.38 2.95 -13.15
CA GLY B 115 -8.22 1.58 -12.72
C GLY B 115 -9.52 0.83 -12.53
N ARG B 116 -10.64 1.43 -12.86
CA ARG B 116 -11.90 0.77 -12.62
C ARG B 116 -11.95 -0.60 -13.30
N GLY B 117 -11.46 -0.69 -14.53
CA GLY B 117 -11.50 -1.92 -15.28
C GLY B 117 -10.32 -2.83 -15.05
N GLY B 118 -9.49 -2.56 -14.06
CA GLY B 118 -8.27 -3.32 -13.86
C GLY B 118 -7.03 -2.47 -14.06
N ALA B 119 -5.89 -3.08 -13.73
CA ALA B 119 -4.57 -2.52 -14.02
C ALA B 119 -4.30 -1.23 -13.24
N LEU B 120 -4.98 -1.05 -12.12
CA LEU B 120 -4.86 0.20 -11.36
C LEU B 120 -3.41 0.54 -11.01
N LEU B 121 -2.73 -0.36 -10.31
CA LEU B 121 -1.40 -0.03 -9.78
C LEU B 121 -0.38 0.07 -10.91
N ARG B 122 -0.50 -0.77 -11.93
CA ARG B 122 0.44 -0.68 -13.04
C ARG B 122 0.27 0.64 -13.76
N GLU B 123 -0.97 1.05 -14.03
CA GLU B 123 -1.18 2.36 -14.64
C GLU B 123 -0.57 3.47 -13.78
N LYS B 124 -0.80 3.43 -12.48
CA LYS B 124 -0.32 4.49 -11.61
C LYS B 124 1.20 4.54 -11.60
N MET B 125 1.85 3.38 -11.48
CA MET B 125 3.31 3.34 -11.47
C MET B 125 3.89 3.79 -12.80
N VAL B 126 3.31 3.36 -13.91
CA VAL B 126 3.84 3.77 -15.20
C VAL B 126 3.66 5.27 -15.40
N GLU B 127 2.47 5.78 -15.07
CA GLU B 127 2.18 7.19 -15.34
C GLU B 127 2.91 8.12 -14.39
N MET B 128 3.19 7.67 -13.16
CA MET B 128 4.03 8.44 -12.28
C MET B 128 5.46 8.55 -12.79
N ALA B 129 5.88 7.63 -13.63
CA ALA B 129 7.22 7.62 -14.18
C ALA B 129 7.32 8.39 -15.47
N SER B 130 6.22 9.01 -15.91
N SER B 130 6.22 8.98 -15.94
CA SER B 130 6.15 9.66 -17.22
CA SER B 130 6.18 9.66 -17.22
C SER B 130 6.25 11.18 -17.11
C SER B 130 6.35 11.16 -17.03
N ALA B 131 7.14 11.77 -17.90
CA ALA B 131 7.30 13.22 -17.88
C ALA B 131 6.05 13.97 -18.31
N LYS B 132 5.33 13.43 -19.28
CA LYS B 132 4.07 14.02 -19.73
C LYS B 132 3.03 12.93 -19.83
N PHE B 133 1.93 13.10 -19.09
CA PHE B 133 0.80 12.17 -19.09
C PHE B 133 -0.34 12.85 -19.83
N VAL B 134 -0.65 12.30 -21.01
CA VAL B 134 -1.73 12.74 -21.86
C VAL B 134 -2.89 11.78 -21.63
N CYS B 135 -4.01 12.29 -21.14
CA CYS B 135 -5.19 11.51 -20.87
C CYS B 135 -6.19 11.73 -21.99
N ILE B 136 -6.77 10.64 -22.47
CA ILE B 136 -7.69 10.69 -23.61
C ILE B 136 -9.07 10.19 -23.19
N VAL B 137 -10.09 11.01 -23.44
CA VAL B 137 -11.46 10.65 -23.11
C VAL B 137 -12.43 11.16 -24.16
N ASP B 138 -13.55 10.47 -24.29
CA ASP B 138 -14.77 11.06 -24.84
C ASP B 138 -15.47 11.83 -23.71
N ASP B 139 -16.31 12.78 -24.08
CA ASP B 139 -16.82 13.75 -23.09
C ASP B 139 -17.78 13.15 -22.07
N SER B 140 -18.23 11.90 -22.23
CA SER B 140 -19.00 11.23 -21.21
C SER B 140 -18.21 10.99 -19.93
N LYS B 141 -16.87 11.08 -19.98
CA LYS B 141 -16.08 10.86 -18.79
C LYS B 141 -15.95 12.09 -17.91
N LEU B 142 -16.39 13.26 -18.36
CA LEU B 142 -16.28 14.44 -17.51
C LEU B 142 -17.26 14.36 -16.35
N VAL B 143 -16.78 14.73 -15.16
CA VAL B 143 -17.57 14.71 -13.94
C VAL B 143 -17.45 16.07 -13.26
N GLU B 144 -18.43 16.36 -12.40
CA GLU B 144 -18.33 17.56 -11.57
C GLU B 144 -17.25 17.42 -10.53
N GLY B 145 -17.09 16.22 -10.01
CA GLY B 145 -16.08 15.91 -9.02
C GLY B 145 -15.90 14.41 -8.96
N LEU B 146 -14.76 14.00 -8.41
CA LEU B 146 -14.41 12.58 -8.42
C LEU B 146 -15.41 11.77 -7.61
N GLY B 147 -15.80 10.62 -8.16
CA GLY B 147 -16.92 9.86 -7.67
C GLY B 147 -18.24 10.18 -8.35
N GLY B 148 -18.29 11.30 -9.05
CA GLY B 148 -19.56 11.81 -9.54
C GLY B 148 -20.22 10.96 -10.59
N SER B 149 -19.49 10.05 -11.24
CA SER B 149 -20.13 9.14 -12.19
C SER B 149 -21.08 8.16 -11.53
N LYS B 150 -20.99 7.99 -10.20
CA LYS B 150 -21.73 7.04 -9.40
C LYS B 150 -21.24 5.61 -9.62
N LEU B 151 -20.18 5.43 -10.42
CA LEU B 151 -19.63 4.14 -10.73
C LEU B 151 -18.38 3.91 -9.87
N ALA B 152 -17.80 2.71 -9.97
CA ALA B 152 -16.84 2.29 -8.95
C ALA B 152 -15.55 3.10 -8.94
N MET B 153 -15.12 3.45 -7.72
CA MET B 153 -13.87 4.13 -7.45
C MET B 153 -13.01 3.10 -6.71
N PRO B 154 -12.06 2.43 -7.37
CA PRO B 154 -11.42 1.25 -6.77
C PRO B 154 -10.33 1.56 -5.75
N VAL B 155 -10.28 0.71 -4.74
CA VAL B 155 -9.22 0.69 -3.72
C VAL B 155 -8.64 -0.72 -3.69
N GLU B 156 -7.32 -0.82 -3.88
CA GLU B 156 -6.62 -2.09 -3.83
C GLU B 156 -6.20 -2.35 -2.39
N ILE B 157 -6.57 -3.51 -1.88
CA ILE B 157 -6.33 -3.82 -0.46
C ILE B 157 -5.70 -5.20 -0.29
N VAL B 158 -5.01 -5.39 0.84
CA VAL B 158 -4.49 -6.72 1.14
C VAL B 158 -5.65 -7.67 1.40
N GLN B 159 -5.37 -8.97 1.26
CA GLN B 159 -6.43 -9.96 1.48
C GLN B 159 -6.75 -10.13 2.95
N PHE B 160 -5.76 -10.03 3.83
CA PHE B 160 -5.98 -10.26 5.26
C PHE B 160 -7.04 -9.31 5.82
N CYS B 161 -8.07 -9.88 6.44
CA CYS B 161 -9.13 -9.10 7.10
C CYS B 161 -9.74 -8.07 6.15
N HIS B 162 -10.09 -8.55 4.95
CA HIS B 162 -10.63 -7.64 3.95
C HIS B 162 -12.01 -7.10 4.35
N LYS B 163 -12.79 -7.84 5.14
CA LYS B 163 -14.08 -7.30 5.60
C LYS B 163 -13.87 -6.13 6.54
N TYR B 164 -12.93 -6.26 7.48
CA TYR B 164 -12.54 -5.16 8.34
C TYR B 164 -12.09 -3.95 7.53
N THR B 165 -11.20 -4.15 6.55
CA THR B 165 -10.70 -3.01 5.79
C THR B 165 -11.83 -2.33 5.01
N LEU B 166 -12.73 -3.13 4.44
CA LEU B 166 -13.87 -2.54 3.71
C LEU B 166 -14.70 -1.63 4.62
N GLN B 167 -14.99 -2.08 5.83
CA GLN B 167 -15.76 -1.26 6.75
C GLN B 167 -14.98 -0.02 7.15
N ARG B 168 -13.67 -0.20 7.34
CA ARG B 168 -12.78 0.93 7.72
C ARG B 168 -12.81 1.98 6.62
N LEU B 169 -12.77 1.55 5.35
CA LEU B 169 -12.82 2.47 4.22
C LEU B 169 -14.14 3.23 4.20
N ALA B 170 -15.23 2.49 4.28
CA ALA B 170 -16.55 3.10 4.17
C ALA B 170 -16.78 4.13 5.25
N ASN B 171 -16.07 4.01 6.37
CA ASN B 171 -16.28 4.92 7.49
C ASN B 171 -15.23 6.01 7.61
N LEU B 172 -14.32 6.13 6.67
CA LEU B 172 -13.36 7.22 6.70
C LEU B 172 -14.09 8.54 6.48
N PRO B 173 -13.86 9.56 7.32
CA PRO B 173 -14.61 10.81 7.15
C PRO B 173 -14.48 11.41 5.75
N GLU B 174 -13.33 11.21 5.12
CA GLU B 174 -13.05 11.83 3.83
C GLU B 174 -13.87 11.25 2.69
N VAL B 175 -14.50 10.09 2.91
CA VAL B 175 -15.34 9.51 1.88
C VAL B 175 -16.72 9.24 2.47
N LYS B 176 -17.06 9.98 3.52
CA LYS B 176 -18.32 9.78 4.22
C LYS B 176 -19.48 9.83 3.24
N GLY B 177 -20.34 8.83 3.32
CA GLY B 177 -21.48 8.75 2.45
C GLY B 177 -21.37 7.72 1.33
N CYS B 178 -20.18 7.19 1.11
CA CYS B 178 -20.04 6.17 0.09
C CYS B 178 -20.59 4.83 0.55
N GLU B 179 -20.83 3.97 -0.45
CA GLU B 179 -21.03 2.54 -0.30
C GLU B 179 -19.76 1.83 -0.72
N ALA B 180 -19.50 0.67 -0.13
CA ALA B 180 -18.26 -0.06 -0.41
C ALA B 180 -18.60 -1.53 -0.65
N LYS B 181 -18.04 -2.10 -1.70
CA LYS B 181 -18.31 -3.49 -2.06
C LYS B 181 -17.03 -4.18 -2.49
N LEU B 182 -16.81 -5.37 -1.95
CA LEU B 182 -15.70 -6.19 -2.41
C LEU B 182 -15.96 -6.65 -3.82
N ARG B 183 -15.00 -6.43 -4.70
CA ARG B 183 -15.16 -6.84 -6.08
C ARG B 183 -15.05 -8.35 -6.20
N MET B 184 -16.00 -8.97 -6.91
CA MET B 184 -16.03 -10.41 -7.07
C MET B 184 -15.77 -10.78 -8.53
N ASN B 185 -15.14 -11.93 -8.73
CA ASN B 185 -14.98 -12.52 -10.05
C ASN B 185 -15.74 -13.83 -9.98
N GLY B 186 -17.07 -13.72 -10.03
CA GLY B 186 -17.94 -14.86 -9.86
C GLY B 186 -18.01 -15.34 -8.42
N ASP B 187 -17.57 -16.58 -8.19
CA ASP B 187 -17.62 -17.16 -6.85
C ASP B 187 -16.49 -16.65 -5.96
N LYS B 188 -15.37 -16.23 -6.56
CA LYS B 188 -14.15 -15.86 -5.86
C LYS B 188 -13.97 -14.34 -5.92
N PRO B 189 -13.42 -13.73 -4.87
CA PRO B 189 -13.07 -12.31 -4.99
C PRO B 189 -12.09 -12.10 -6.15
N TYR B 190 -12.26 -10.98 -6.84
CA TYR B 190 -11.34 -10.54 -7.87
C TYR B 190 -9.95 -10.36 -7.26
N VAL B 191 -8.91 -10.72 -8.02
CA VAL B 191 -7.53 -10.54 -7.62
C VAL B 191 -6.77 -9.73 -8.67
N THR B 192 -6.01 -8.74 -8.20
CA THR B 192 -5.19 -7.92 -9.05
C THR B 192 -3.92 -8.65 -9.48
N ASP B 193 -3.12 -7.95 -10.30
CA ASP B 193 -1.80 -8.41 -10.75
C ASP B 193 -0.87 -8.73 -9.59
N ASN B 194 -1.09 -8.11 -8.43
CA ASN B 194 -0.27 -8.32 -7.25
C ASN B 194 -0.99 -9.10 -6.16
N SER B 195 -1.96 -9.91 -6.57
CA SER B 195 -2.68 -10.81 -5.67
C SER B 195 -3.41 -10.09 -4.55
N ASN B 196 -3.84 -8.85 -4.82
CA ASN B 196 -4.63 -8.11 -3.85
C ASN B 196 -6.08 -8.10 -4.26
N TYR B 197 -6.94 -7.67 -3.32
CA TYR B 197 -8.36 -7.55 -3.58
C TYR B 197 -8.67 -6.09 -3.90
N ILE B 198 -9.87 -5.86 -4.44
CA ILE B 198 -10.35 -4.52 -4.72
C ILE B 198 -11.63 -4.29 -3.95
N VAL B 199 -11.69 -3.18 -3.23
CA VAL B 199 -12.95 -2.66 -2.67
C VAL B 199 -13.36 -1.49 -3.54
N ASP B 200 -14.53 -1.59 -4.15
CA ASP B 200 -15.05 -0.51 -4.98
C ASP B 200 -15.90 0.41 -4.11
N LEU B 201 -15.58 1.70 -4.13
CA LEU B 201 -16.38 2.71 -3.46
C LEU B 201 -17.31 3.36 -4.47
N TYR B 202 -18.54 3.62 -4.04
CA TYR B 202 -19.57 4.18 -4.89
C TYR B 202 -20.10 5.42 -4.20
N PHE B 203 -20.18 6.51 -4.96
CA PHE B 203 -20.59 7.79 -4.40
C PHE B 203 -21.90 8.24 -5.06
N GLN B 204 -22.69 9.00 -4.30
CA GLN B 204 -23.82 9.70 -4.88
C GLN B 204 -23.62 11.19 -4.98
N THR B 205 -22.68 11.75 -4.22
CA THR B 205 -22.16 13.08 -4.45
C THR B 205 -20.65 12.97 -4.51
N PRO B 206 -19.97 13.89 -5.19
CA PRO B 206 -18.52 13.76 -5.34
C PRO B 206 -17.78 13.86 -4.02
N ILE B 207 -16.59 13.22 -4.01
CA ILE B 207 -15.63 13.42 -2.93
C ILE B 207 -15.34 14.91 -2.79
N LYS B 208 -15.44 15.41 -1.58
CA LYS B 208 -15.31 16.85 -1.39
C LYS B 208 -13.85 17.33 -1.45
N ASP B 209 -12.93 16.56 -0.87
CA ASP B 209 -11.52 16.92 -0.83
C ASP B 209 -10.74 15.70 -1.28
N SER B 210 -10.39 15.69 -2.58
CA SER B 210 -9.81 14.47 -3.15
C SER B 210 -8.43 14.20 -2.59
N GLN B 211 -7.63 15.25 -2.35
CA GLN B 211 -6.30 15.07 -1.77
C GLN B 211 -6.41 14.48 -0.37
N ALA B 212 -7.34 14.99 0.44
CA ALA B 212 -7.52 14.46 1.79
C ALA B 212 -7.99 13.01 1.73
N ALA B 213 -8.89 12.69 0.78
CA ALA B 213 -9.34 11.32 0.63
C ALA B 213 -8.18 10.40 0.23
N SER B 214 -7.36 10.84 -0.72
CA SER B 214 -6.23 10.01 -1.14
C SER B 214 -5.32 9.73 0.03
N LYS B 215 -4.94 10.77 0.79
CA LYS B 215 -4.03 10.54 1.91
C LYS B 215 -4.66 9.64 2.96
N ALA B 216 -5.94 9.85 3.26
CA ALA B 216 -6.59 9.02 4.27
C ALA B 216 -6.68 7.56 3.85
N ILE B 217 -7.01 7.31 2.58
CA ILE B 217 -7.08 5.93 2.11
C ILE B 217 -5.70 5.29 2.13
N LEU B 218 -4.70 5.99 1.63
CA LEU B 218 -3.35 5.41 1.67
C LEU B 218 -2.87 5.23 3.09
N GLY B 219 -3.33 6.08 4.01
CA GLY B 219 -2.86 5.95 5.39
C GLY B 219 -3.43 4.75 6.14
N LEU B 220 -4.50 4.17 5.63
CA LEU B 220 -5.15 3.04 6.25
C LEU B 220 -4.28 1.80 6.06
N ASP B 221 -3.80 1.27 7.19
N ASP B 221 -3.78 1.28 7.19
CA ASP B 221 -3.01 0.02 7.15
CA ASP B 221 -3.01 0.02 7.16
C ASP B 221 -3.97 -0.98 6.51
C ASP B 221 -3.97 -0.98 6.50
N GLY B 222 -3.50 -1.77 5.53
CA GLY B 222 -4.33 -2.69 4.79
C GLY B 222 -4.63 -2.23 3.37
N VAL B 223 -4.49 -0.96 3.08
CA VAL B 223 -4.65 -0.45 1.73
C VAL B 223 -3.31 -0.47 1.00
N VAL B 224 -3.36 -0.90 -0.24
CA VAL B 224 -2.20 -0.83 -1.12
C VAL B 224 -2.20 0.46 -1.91
N ASP B 225 -3.26 0.70 -2.65
CA ASP B 225 -3.34 1.92 -3.48
C ASP B 225 -4.80 2.14 -3.88
N HIS B 226 -5.06 3.15 -4.71
CA HIS B 226 -6.44 3.47 -5.04
C HIS B 226 -6.46 4.22 -6.36
N GLY B 227 -7.68 4.41 -6.85
CA GLY B 227 -7.94 4.93 -8.17
C GLY B 227 -8.01 6.44 -8.30
N LEU B 228 -7.71 7.19 -7.24
CA LEU B 228 -7.60 8.65 -7.37
C LEU B 228 -6.21 9.00 -7.88
N PHE B 229 -6.14 9.47 -9.13
CA PHE B 229 -4.89 9.82 -9.79
C PHE B 229 -4.86 11.35 -9.83
N LEU B 230 -4.20 11.92 -8.83
CA LEU B 230 -4.24 13.34 -8.55
C LEU B 230 -2.94 14.01 -8.96
N ASP B 231 -3.06 15.19 -9.56
N ASP B 231 -3.06 15.19 -9.55
CA ASP B 231 -1.89 15.97 -9.95
CA ASP B 231 -1.91 15.97 -9.96
C ASP B 231 -0.98 15.20 -10.89
C ASP B 231 -0.98 15.15 -10.83
N MET B 232 -1.56 14.37 -11.76
CA MET B 232 -0.78 13.52 -12.65
C MET B 232 -0.96 13.89 -14.11
N VAL B 233 -2.20 14.07 -14.54
CA VAL B 233 -2.48 14.39 -15.94
C VAL B 233 -1.94 15.78 -16.27
N ASP B 234 -1.15 15.87 -17.33
CA ASP B 234 -0.65 17.14 -17.81
C ASP B 234 -1.49 17.76 -18.91
N VAL B 235 -2.08 16.92 -19.77
CA VAL B 235 -2.91 17.35 -20.88
C VAL B 235 -4.05 16.36 -20.98
N CYS B 236 -5.28 16.86 -21.13
CA CYS B 236 -6.42 16.00 -21.37
C CYS B 236 -7.01 16.33 -22.72
N ILE B 237 -7.17 15.31 -23.54
CA ILE B 237 -7.79 15.44 -24.85
C ILE B 237 -9.20 14.89 -24.72
N ILE B 238 -10.18 15.75 -25.02
CA ILE B 238 -11.58 15.47 -24.76
C ILE B 238 -12.30 15.58 -26.10
N ALA B 239 -12.88 14.48 -26.54
CA ALA B 239 -13.63 14.45 -27.80
C ALA B 239 -15.12 14.42 -27.51
N GLY B 240 -15.86 15.33 -28.16
CA GLY B 240 -17.28 15.41 -27.95
C GLY B 240 -17.93 15.78 -29.26
N ALA B 241 -19.25 15.94 -29.20
CA ALA B 241 -20.00 16.21 -30.43
C ALA B 241 -19.51 17.47 -31.13
N THR B 242 -19.04 18.45 -30.37
CA THR B 242 -18.59 19.72 -30.91
C THR B 242 -17.19 19.66 -31.52
N GLY B 243 -16.42 18.63 -31.21
CA GLY B 243 -15.05 18.56 -31.67
C GLY B 243 -14.16 18.11 -30.54
N VAL B 244 -12.86 18.27 -30.76
CA VAL B 244 -11.83 17.79 -29.86
C VAL B 244 -11.18 18.99 -29.20
N THR B 245 -11.15 18.98 -27.87
CA THR B 245 -10.56 20.01 -27.04
C THR B 245 -9.28 19.45 -26.42
N VAL B 246 -8.23 20.24 -26.46
CA VAL B 246 -6.97 19.94 -25.80
C VAL B 246 -6.91 20.82 -24.56
N GLN B 247 -7.03 20.23 -23.39
CA GLN B 247 -7.06 20.95 -22.14
C GLN B 247 -5.73 20.76 -21.44
N GLU B 248 -4.90 21.79 -21.45
CA GLU B 248 -3.74 21.75 -20.57
C GLU B 248 -4.25 21.81 -19.14
N ARG B 249 -3.45 21.31 -18.23
CA ARG B 249 -3.86 21.30 -16.83
C ARG B 249 -4.10 22.71 -16.35
N PRO B 250 -5.28 23.02 -15.82
CA PRO B 250 -5.54 24.38 -15.33
C PRO B 250 -4.70 24.69 -14.09
N ASN B 251 -4.48 25.98 -13.90
CA ASN B 251 -3.86 26.50 -12.69
C ASN B 251 -2.49 25.88 -12.50
N PRO B 252 -1.58 26.04 -13.48
CA PRO B 252 -0.22 25.47 -13.38
C PRO B 252 0.64 26.19 -12.34
#